data_1JCY
#
_entry.id   1JCY
#
_cell.length_a   84.316
_cell.length_b   84.316
_cell.length_c   159.569
_cell.angle_alpha   90.00
_cell.angle_beta   90.00
_cell.angle_gamma   120.00
#
_symmetry.space_group_name_H-M   'P 31 2 1'
#
loop_
_entity.id
_entity.type
_entity.pdbx_description
1 polymer '2-DEHYDRO-3-DEOXYPHOSPHOOCTONATE ALDOLASE'
2 non-polymer RIBOSE-5-PHOSPHATE
3 non-polymer 'CADMIUM ION'
4 non-polymer PHOSPHOENOLPYRUVATE
5 non-polymer 'PHOSPHATE ION'
6 water water
#
_entity_poly.entity_id   1
_entity_poly.type   'polypeptide(L)'
_entity_poly.pdbx_seq_one_letter_code
;MEKFLVIAGPCAIESEELLLKVGEEIKRLSEKFKEVEFVFKSSFDKANRSSIHSFRGHGLEYGVKALRKVKEEFGLKITT
DIHESWQAEPVAEVADIIQIPAFLCRQTDLLLAAAKTGRAVNVKKGQFLAPWDTKNVVEKLKFGGAKEIYLTERGTTFGY
NNLVVDFRSLPIMKQWAKVIYDATHSVQLPGGLGDKSGGMREFIFPLIRAAVAVGCDGVFMETHPEPEKALSDASTQLPL
SQLEGIIEAILEIREVASKYYETIPVK
;
_entity_poly.pdbx_strand_id   A,B
#
loop_
_chem_comp.id
_chem_comp.type
_chem_comp.name
_chem_comp.formula
CD non-polymer 'CADMIUM ION' 'Cd 2'
PEP non-polymer PHOSPHOENOLPYRUVATE 'C3 H5 O6 P'
PO4 non-polymer 'PHOSPHATE ION' 'O4 P -3'
R5P saccharide RIBOSE-5-PHOSPHATE 'C5 H11 O8 P'
#
# COMPACT_ATOMS: atom_id res chain seq x y z
N GLU A 2 26.75 18.48 -4.56
CA GLU A 2 25.33 18.94 -4.37
C GLU A 2 24.97 18.93 -2.89
N LYS A 3 24.22 19.95 -2.46
CA LYS A 3 23.81 20.07 -1.06
C LYS A 3 23.09 18.84 -0.54
N PHE A 4 23.58 18.32 0.57
CA PHE A 4 23.01 17.14 1.22
C PHE A 4 21.68 17.51 1.87
N LEU A 5 20.69 16.64 1.76
CA LEU A 5 19.37 16.93 2.32
C LEU A 5 19.14 16.23 3.65
N VAL A 6 18.61 16.97 4.62
CA VAL A 6 18.28 16.38 5.91
C VAL A 6 16.82 16.72 6.16
N ILE A 7 15.96 15.71 6.00
CA ILE A 7 14.53 15.88 6.22
C ILE A 7 14.30 15.38 7.64
N ALA A 8 13.81 16.25 8.51
CA ALA A 8 13.59 15.88 9.90
C ALA A 8 12.45 16.63 10.55
N GLY A 9 11.87 16.02 11.58
CA GLY A 9 10.78 16.64 12.29
C GLY A 9 9.96 15.60 13.01
N PRO A 10 8.97 16.00 13.82
CA PRO A 10 8.14 15.04 14.55
C PRO A 10 7.28 14.25 13.56
N CYS A 11 7.13 12.96 13.82
CA CYS A 11 6.34 12.08 12.94
C CYS A 11 4.96 12.67 12.64
N ALA A 12 4.22 13.01 13.68
CA ALA A 12 2.89 13.55 13.53
C ALA A 12 2.77 14.95 14.13
N ILE A 13 1.88 15.76 13.56
CA ILE A 13 1.65 17.11 14.06
C ILE A 13 0.76 16.99 15.29
N GLU A 14 1.36 16.63 16.42
CA GLU A 14 0.64 16.45 17.67
C GLU A 14 0.05 17.79 18.11
N SER A 15 0.75 18.87 17.79
CA SER A 15 0.30 20.21 18.14
C SER A 15 1.20 21.21 17.43
N GLU A 16 0.72 22.43 17.26
CA GLU A 16 1.51 23.45 16.60
C GLU A 16 2.71 23.80 17.49
N GLU A 17 2.54 23.61 18.80
CA GLU A 17 3.60 23.89 19.76
C GLU A 17 4.77 22.94 19.55
N LEU A 18 4.48 21.64 19.47
CA LEU A 18 5.53 20.63 19.26
C LEU A 18 6.32 20.99 18.01
N LEU A 19 5.62 21.42 16.97
CA LEU A 19 6.26 21.80 15.72
C LEU A 19 7.21 22.97 15.86
N LEU A 20 6.80 23.99 16.60
CA LEU A 20 7.65 25.17 16.80
C LEU A 20 8.87 24.83 17.65
N LYS A 21 8.70 23.90 18.58
CA LYS A 21 9.79 23.48 19.45
C LYS A 21 10.86 22.74 18.65
N VAL A 22 10.43 21.86 17.74
CA VAL A 22 11.36 21.11 16.91
C VAL A 22 11.91 22.03 15.83
N GLY A 23 11.04 22.86 15.27
CA GLY A 23 11.45 23.78 14.23
C GLY A 23 12.55 24.72 14.71
N GLU A 24 12.49 25.12 15.98
CA GLU A 24 13.50 26.00 16.55
C GLU A 24 14.87 25.34 16.49
N GLU A 25 14.95 24.07 16.90
CA GLU A 25 16.20 23.33 16.89
C GLU A 25 16.70 23.09 15.47
N ILE A 26 15.80 22.74 14.56
CA ILE A 26 16.19 22.50 13.18
C ILE A 26 16.74 23.78 12.56
N LYS A 27 16.14 24.92 12.93
CA LYS A 27 16.61 26.21 12.44
C LYS A 27 18.03 26.47 12.98
N ARG A 28 18.24 26.16 14.25
CA ARG A 28 19.56 26.35 14.84
C ARG A 28 20.60 25.53 14.10
N LEU A 29 20.27 24.27 13.81
CA LEU A 29 21.19 23.39 13.10
C LEU A 29 21.43 23.85 11.66
N SER A 30 20.40 24.40 11.03
CA SER A 30 20.55 24.86 9.66
C SER A 30 21.56 26.00 9.60
N GLU A 31 21.66 26.74 10.70
CA GLU A 31 22.60 27.86 10.78
C GLU A 31 24.00 27.31 10.97
N LYS A 32 24.10 26.19 11.69
CA LYS A 32 25.40 25.57 11.94
C LYS A 32 25.86 24.76 10.72
N PHE A 33 25.03 23.84 10.26
CA PHE A 33 25.38 23.01 9.10
C PHE A 33 24.89 23.66 7.82
N LYS A 34 25.60 24.70 7.39
CA LYS A 34 25.24 25.43 6.18
C LYS A 34 25.42 24.65 4.88
N GLU A 35 26.11 23.52 4.92
CA GLU A 35 26.29 22.73 3.70
C GLU A 35 25.10 21.77 3.53
N VAL A 36 24.20 21.78 4.50
CA VAL A 36 23.03 20.92 4.47
C VAL A 36 21.77 21.70 4.13
N GLU A 37 20.87 21.07 3.37
CA GLU A 37 19.61 21.70 3.05
C GLU A 37 18.60 21.00 3.95
N PHE A 38 18.06 21.72 4.93
CA PHE A 38 17.10 21.13 5.85
C PHE A 38 15.67 21.29 5.35
N VAL A 39 14.85 20.29 5.62
CA VAL A 39 13.45 20.32 5.23
C VAL A 39 12.67 19.80 6.44
N PHE A 40 11.77 20.62 6.98
CA PHE A 40 10.99 20.25 8.15
C PHE A 40 9.82 19.36 7.77
N LYS A 41 9.73 18.20 8.40
CA LYS A 41 8.68 17.23 8.11
C LYS A 41 7.78 16.90 9.28
N SER A 42 6.51 16.71 8.99
CA SER A 42 5.52 16.29 9.97
C SER A 42 4.19 16.03 9.26
N SER A 43 3.59 14.88 9.56
CA SER A 43 2.33 14.47 8.94
C SER A 43 1.09 15.06 9.59
N PHE A 44 0.23 15.66 8.77
CA PHE A 44 -1.01 16.23 9.29
C PHE A 44 -1.98 15.08 9.56
N ASP A 45 -1.68 13.90 9.03
CA ASP A 45 -2.54 12.73 9.24
C ASP A 45 -1.83 11.39 9.08
N LYS A 46 -2.00 10.52 10.07
CA LYS A 46 -1.44 9.18 10.01
C LYS A 46 -2.64 8.38 9.51
N ALA A 47 -2.75 8.31 8.19
CA ALA A 47 -3.88 7.63 7.55
C ALA A 47 -3.78 6.11 7.43
N ASN A 48 -2.70 5.54 7.94
CA ASN A 48 -2.54 4.09 7.84
C ASN A 48 -2.12 3.40 9.14
N ARG A 49 -2.52 3.95 10.29
CA ARG A 49 -2.19 3.32 11.56
C ARG A 49 -2.75 1.90 11.54
N SER A 50 -2.15 0.99 12.29
CA SER A 50 -2.63 -0.39 12.35
C SER A 50 -3.98 -0.47 13.05
N SER A 51 -4.10 0.25 14.17
CA SER A 51 -5.33 0.24 14.95
C SER A 51 -6.21 1.47 14.78
N ILE A 52 -7.52 1.23 14.78
CA ILE A 52 -8.49 2.31 14.64
C ILE A 52 -8.41 3.22 15.88
N HIS A 53 -7.87 2.69 16.96
CA HIS A 53 -7.76 3.45 18.21
C HIS A 53 -6.51 4.33 18.32
N SER A 54 -5.63 4.26 17.34
CA SER A 54 -4.39 5.05 17.38
C SER A 54 -4.56 6.49 16.90
N PHE A 55 -3.64 7.34 17.33
CA PHE A 55 -3.65 8.77 16.97
C PHE A 55 -3.47 8.95 15.46
N ARG A 56 -4.27 9.85 14.89
CA ARG A 56 -4.19 10.14 13.45
C ARG A 56 -3.74 11.57 13.19
N GLY A 57 -4.33 12.52 13.92
CA GLY A 57 -3.97 13.91 13.73
C GLY A 57 -5.14 14.86 13.93
N HIS A 58 -4.93 16.14 13.67
CA HIS A 58 -6.00 17.12 13.84
C HIS A 58 -6.54 17.66 12.52
N GLY A 59 -6.43 16.86 11.47
CA GLY A 59 -6.94 17.28 10.17
C GLY A 59 -5.96 18.07 9.33
N LEU A 60 -6.21 18.08 8.03
CA LEU A 60 -5.38 18.79 7.06
C LEU A 60 -5.33 20.29 7.32
N GLU A 61 -6.50 20.89 7.50
CA GLU A 61 -6.60 22.34 7.73
C GLU A 61 -5.66 22.79 8.84
N TYR A 62 -5.80 22.17 10.01
CA TYR A 62 -4.97 22.49 11.17
C TYR A 62 -3.50 22.23 10.86
N GLY A 63 -3.24 21.08 10.23
CA GLY A 63 -1.88 20.69 9.89
C GLY A 63 -1.14 21.65 8.99
N VAL A 64 -1.78 22.03 7.87
CA VAL A 64 -1.17 22.95 6.92
C VAL A 64 -0.91 24.29 7.61
N LYS A 65 -1.84 24.70 8.46
CA LYS A 65 -1.72 25.95 9.19
C LYS A 65 -0.50 25.90 10.08
N ALA A 66 -0.32 24.80 10.80
CA ALA A 66 0.83 24.65 11.69
C ALA A 66 2.14 24.64 10.88
N LEU A 67 2.16 23.88 9.78
CA LEU A 67 3.33 23.82 8.93
C LEU A 67 3.67 25.20 8.38
N ARG A 68 2.64 25.97 8.02
CA ARG A 68 2.88 27.30 7.47
C ARG A 68 3.50 28.20 8.56
N LYS A 69 3.11 27.96 9.81
CA LYS A 69 3.65 28.74 10.91
C LYS A 69 5.15 28.45 11.04
N VAL A 70 5.51 27.18 10.89
CA VAL A 70 6.92 26.79 10.98
C VAL A 70 7.74 27.46 9.89
N LYS A 71 7.23 27.40 8.66
CA LYS A 71 7.93 28.02 7.54
C LYS A 71 8.03 29.53 7.72
N GLU A 72 6.94 30.10 8.21
CA GLU A 72 6.83 31.53 8.45
C GLU A 72 7.79 32.02 9.55
N GLU A 73 7.82 31.29 10.65
CA GLU A 73 8.66 31.67 11.78
C GLU A 73 10.15 31.39 11.59
N PHE A 74 10.48 30.27 10.97
CA PHE A 74 11.88 29.89 10.79
C PHE A 74 12.44 29.93 9.38
N GLY A 75 11.59 30.15 8.39
CA GLY A 75 12.07 30.19 7.02
C GLY A 75 12.60 28.83 6.59
N LEU A 76 12.00 27.77 7.11
CA LEU A 76 12.41 26.40 6.79
C LEU A 76 11.53 25.81 5.70
N LYS A 77 12.13 25.00 4.83
CA LYS A 77 11.37 24.34 3.77
C LYS A 77 10.48 23.31 4.45
N ILE A 78 9.37 22.97 3.79
CA ILE A 78 8.40 22.06 4.37
C ILE A 78 8.06 20.85 3.50
N THR A 79 7.83 19.71 4.16
CA THR A 79 7.40 18.51 3.46
C THR A 79 6.39 17.80 4.34
N THR A 80 5.37 17.21 3.72
CA THR A 80 4.37 16.45 4.43
C THR A 80 3.79 15.47 3.40
N ASP A 81 3.16 14.40 3.87
CA ASP A 81 2.61 13.42 2.96
C ASP A 81 1.11 13.51 2.70
N ILE A 82 0.69 13.09 1.51
CA ILE A 82 -0.72 13.10 1.13
C ILE A 82 -1.19 11.67 1.01
N HIS A 83 -2.49 11.46 1.14
CA HIS A 83 -3.05 10.11 1.11
C HIS A 83 -4.12 9.88 0.04
N GLU A 84 -4.69 10.97 -0.46
CA GLU A 84 -5.67 10.90 -1.53
C GLU A 84 -5.40 12.08 -2.45
N SER A 85 -5.74 11.93 -3.73
CA SER A 85 -5.50 12.96 -4.72
C SER A 85 -5.93 14.38 -4.38
N TRP A 86 -7.13 14.54 -3.83
CA TRP A 86 -7.62 15.88 -3.50
C TRP A 86 -6.73 16.67 -2.54
N GLN A 87 -5.90 15.98 -1.78
CA GLN A 87 -5.05 16.68 -0.81
C GLN A 87 -3.83 17.36 -1.40
N ALA A 88 -3.41 16.96 -2.60
CA ALA A 88 -2.23 17.55 -3.24
C ALA A 88 -2.29 19.06 -3.42
N GLU A 89 -3.43 19.56 -3.89
CA GLU A 89 -3.56 20.99 -4.13
C GLU A 89 -3.42 21.83 -2.86
N PRO A 90 -4.25 21.57 -1.84
CA PRO A 90 -4.13 22.35 -0.61
C PRO A 90 -2.77 22.21 0.08
N VAL A 91 -2.23 20.99 0.06
CA VAL A 91 -0.93 20.74 0.69
C VAL A 91 0.18 21.47 -0.06
N ALA A 92 0.09 21.49 -1.39
CA ALA A 92 1.12 22.15 -2.20
C ALA A 92 1.25 23.64 -1.88
N GLU A 93 0.26 24.20 -1.22
CA GLU A 93 0.31 25.62 -0.87
C GLU A 93 1.40 25.90 0.16
N VAL A 94 1.76 24.90 0.96
CA VAL A 94 2.79 25.10 1.97
C VAL A 94 3.99 24.17 1.79
N ALA A 95 3.74 22.95 1.34
CA ALA A 95 4.80 21.96 1.16
C ALA A 95 5.70 22.18 -0.04
N ASP A 96 7.01 22.23 0.21
CA ASP A 96 7.99 22.38 -0.85
C ASP A 96 8.22 21.02 -1.49
N ILE A 97 8.04 19.99 -0.68
CA ILE A 97 8.20 18.61 -1.14
C ILE A 97 6.97 17.82 -0.71
N ILE A 98 6.30 17.22 -1.68
CA ILE A 98 5.11 16.43 -1.35
C ILE A 98 5.58 14.99 -1.24
N GLN A 99 5.31 14.39 -0.09
CA GLN A 99 5.72 13.01 0.18
C GLN A 99 4.61 12.01 -0.13
N ILE A 100 4.99 10.91 -0.79
CA ILE A 100 4.05 9.85 -1.14
C ILE A 100 4.32 8.65 -0.23
N PRO A 101 3.33 8.26 0.60
CA PRO A 101 3.46 7.13 1.53
C PRO A 101 3.89 5.83 0.82
N ALA A 102 4.66 5.01 1.54
CA ALA A 102 5.17 3.74 1.02
C ALA A 102 4.10 2.80 0.46
N PHE A 103 3.00 2.64 1.19
CA PHE A 103 1.93 1.77 0.72
C PHE A 103 1.26 2.29 -0.54
N LEU A 104 1.38 3.60 -0.79
CA LEU A 104 0.73 4.23 -1.94
C LEU A 104 1.66 4.57 -3.11
N CYS A 105 2.89 4.07 -3.08
CA CYS A 105 3.87 4.36 -4.14
C CYS A 105 3.48 3.91 -5.55
N ARG A 106 2.43 3.10 -5.65
CA ARG A 106 1.94 2.60 -6.94
C ARG A 106 0.61 3.23 -7.36
N GLN A 107 0.03 4.07 -6.51
CA GLN A 107 -1.25 4.70 -6.84
C GLN A 107 -1.05 5.83 -7.84
N THR A 108 -1.28 5.49 -9.10
CA THR A 108 -1.11 6.44 -10.20
C THR A 108 -1.71 7.82 -10.03
N ASP A 109 -2.99 7.91 -9.62
CA ASP A 109 -3.63 9.21 -9.44
C ASP A 109 -2.99 10.06 -8.35
N LEU A 110 -2.48 9.43 -7.30
CA LEU A 110 -1.86 10.18 -6.23
C LEU A 110 -0.54 10.80 -6.73
N LEU A 111 0.28 9.99 -7.39
CA LEU A 111 1.54 10.47 -7.93
C LEU A 111 1.31 11.61 -8.92
N LEU A 112 0.31 11.44 -9.78
CA LEU A 112 -0.03 12.45 -10.78
C LEU A 112 -0.53 13.73 -10.10
N ALA A 113 -1.32 13.58 -9.04
CA ALA A 113 -1.85 14.73 -8.32
C ALA A 113 -0.72 15.58 -7.74
N ALA A 114 0.29 14.90 -7.20
CA ALA A 114 1.44 15.57 -6.62
C ALA A 114 2.28 16.25 -7.71
N ALA A 115 2.55 15.51 -8.79
CA ALA A 115 3.38 16.00 -9.88
C ALA A 115 2.92 17.30 -10.55
N LYS A 116 1.61 17.46 -10.74
CA LYS A 116 1.09 18.65 -11.41
C LYS A 116 1.08 19.92 -10.56
N THR A 117 1.38 19.80 -9.26
CA THR A 117 1.42 20.97 -8.39
C THR A 117 2.67 21.80 -8.65
N GLY A 118 3.65 21.20 -9.33
CA GLY A 118 4.89 21.90 -9.61
C GLY A 118 5.89 21.77 -8.48
N ARG A 119 5.48 21.12 -7.40
CA ARG A 119 6.34 20.91 -6.23
C ARG A 119 7.22 19.67 -6.40
N ALA A 120 8.27 19.58 -5.58
CA ALA A 120 9.14 18.42 -5.63
C ALA A 120 8.35 17.27 -5.04
N VAL A 121 8.65 16.04 -5.47
CA VAL A 121 7.94 14.88 -4.95
C VAL A 121 8.90 13.81 -4.44
N ASN A 122 8.64 13.33 -3.23
CA ASN A 122 9.46 12.29 -2.61
C ASN A 122 8.58 11.08 -2.35
N VAL A 123 8.93 9.97 -3.00
CA VAL A 123 8.17 8.74 -2.86
C VAL A 123 8.88 7.74 -1.96
N LYS A 124 8.20 7.31 -0.91
CA LYS A 124 8.76 6.31 -0.01
C LYS A 124 8.66 5.01 -0.79
N LYS A 125 9.76 4.26 -0.89
CA LYS A 125 9.71 2.99 -1.62
C LYS A 125 8.89 1.96 -0.85
N GLY A 126 7.88 1.40 -1.52
CA GLY A 126 7.04 0.40 -0.88
C GLY A 126 7.85 -0.77 -0.35
N GLN A 127 7.45 -1.29 0.80
CA GLN A 127 8.12 -2.43 1.42
C GLN A 127 8.03 -3.69 0.55
N PHE A 128 7.14 -3.63 -0.45
CA PHE A 128 6.91 -4.73 -1.37
C PHE A 128 7.63 -4.55 -2.71
N LEU A 129 8.21 -3.36 -2.90
CA LEU A 129 8.88 -3.01 -4.15
C LEU A 129 10.37 -3.35 -4.25
N ALA A 130 10.78 -3.86 -5.41
CA ALA A 130 12.19 -4.16 -5.66
C ALA A 130 12.81 -2.83 -6.09
N PRO A 131 14.11 -2.63 -5.84
CA PRO A 131 14.77 -1.38 -6.22
C PRO A 131 14.57 -0.97 -7.69
N TRP A 132 14.77 -1.94 -8.59
CA TRP A 132 14.64 -1.66 -10.02
C TRP A 132 13.23 -1.30 -10.47
N ASP A 133 12.23 -1.61 -9.66
CA ASP A 133 10.86 -1.28 -10.03
C ASP A 133 10.45 0.16 -9.71
N THR A 134 11.39 0.94 -9.17
CA THR A 134 11.11 2.35 -8.88
C THR A 134 11.33 3.16 -10.16
N LYS A 135 11.93 2.54 -11.17
CA LYS A 135 12.15 3.23 -12.43
C LYS A 135 10.81 3.70 -12.99
N ASN A 136 9.79 2.83 -12.94
CA ASN A 136 8.47 3.18 -13.44
C ASN A 136 7.77 4.23 -12.58
N VAL A 137 8.09 4.25 -11.29
CA VAL A 137 7.51 5.23 -10.37
C VAL A 137 7.98 6.61 -10.78
N VAL A 138 9.28 6.71 -11.07
CA VAL A 138 9.86 7.98 -11.49
C VAL A 138 9.30 8.36 -12.87
N GLU A 139 9.08 7.36 -13.71
CA GLU A 139 8.53 7.62 -15.04
C GLU A 139 7.14 8.24 -14.92
N LYS A 140 6.31 7.70 -14.04
CA LYS A 140 4.97 8.23 -13.84
C LYS A 140 5.05 9.70 -13.44
N LEU A 141 5.93 9.99 -12.47
CA LEU A 141 6.08 11.37 -12.01
C LEU A 141 6.53 12.31 -13.12
N LYS A 142 7.55 11.92 -13.87
CA LYS A 142 8.04 12.76 -14.94
C LYS A 142 6.92 12.99 -15.95
N PHE A 143 6.14 11.94 -16.20
CA PHE A 143 5.00 12.01 -17.12
C PHE A 143 4.01 13.06 -16.59
N GLY A 144 3.85 13.09 -15.26
CA GLY A 144 2.92 14.02 -14.65
C GLY A 144 3.46 15.43 -14.41
N GLY A 145 4.65 15.72 -14.91
CA GLY A 145 5.23 17.05 -14.76
C GLY A 145 6.23 17.29 -13.63
N ALA A 146 6.52 16.28 -12.83
CA ALA A 146 7.48 16.44 -11.73
C ALA A 146 8.89 16.64 -12.26
N LYS A 147 9.56 17.67 -11.76
CA LYS A 147 10.92 17.97 -12.20
C LYS A 147 11.98 17.62 -11.14
N GLU A 148 11.58 17.61 -9.87
CA GLU A 148 12.49 17.28 -8.78
C GLU A 148 11.90 16.07 -8.07
N ILE A 149 12.52 14.92 -8.27
CA ILE A 149 12.02 13.67 -7.71
C ILE A 149 12.99 12.97 -6.77
N TYR A 150 12.48 12.45 -5.67
CA TYR A 150 13.27 11.70 -4.72
C TYR A 150 12.64 10.34 -4.45
N LEU A 151 13.48 9.35 -4.18
CA LEU A 151 13.03 8.01 -3.83
C LEU A 151 13.64 7.77 -2.45
N THR A 152 12.80 7.37 -1.50
CA THR A 152 13.29 7.13 -0.15
C THR A 152 13.31 5.66 0.22
N GLU A 153 14.48 5.20 0.65
CA GLU A 153 14.66 3.83 1.08
C GLU A 153 14.15 3.74 2.52
N ARG A 154 13.18 2.86 2.77
CA ARG A 154 12.66 2.72 4.13
C ARG A 154 12.51 1.27 4.56
N GLY A 155 13.30 0.39 3.96
CA GLY A 155 13.26 -1.02 4.31
C GLY A 155 12.36 -1.86 3.42
N THR A 156 12.57 -3.17 3.46
CA THR A 156 11.79 -4.12 2.66
C THR A 156 11.27 -5.25 3.54
N THR A 157 10.08 -5.74 3.20
CA THR A 157 9.48 -6.84 3.95
C THR A 157 10.44 -8.03 4.02
N PHE A 158 10.74 -8.48 5.24
CA PHE A 158 11.67 -9.59 5.48
C PHE A 158 10.99 -10.51 6.51
N GLY A 159 10.23 -11.48 6.01
CA GLY A 159 9.50 -12.35 6.91
C GLY A 159 8.40 -11.50 7.52
N TYR A 160 7.78 -11.97 8.60
CA TYR A 160 6.71 -11.22 9.26
C TYR A 160 7.20 -10.22 10.30
N ASN A 161 6.54 -9.06 10.34
CA ASN A 161 6.83 -8.03 11.30
C ASN A 161 8.30 -7.63 11.37
N ASN A 162 8.96 -7.58 10.22
CA ASN A 162 10.36 -7.21 10.20
C ASN A 162 10.73 -6.64 8.85
N LEU A 163 11.65 -5.69 8.86
CA LEU A 163 12.11 -5.06 7.63
C LEU A 163 13.62 -5.14 7.60
N VAL A 164 14.18 -5.29 6.39
CA VAL A 164 15.62 -5.33 6.25
C VAL A 164 15.96 -4.23 5.25
N VAL A 165 17.13 -3.64 5.39
CA VAL A 165 17.55 -2.61 4.45
C VAL A 165 18.57 -3.24 3.52
N ASP A 166 18.23 -3.31 2.24
CA ASP A 166 19.12 -3.86 1.22
C ASP A 166 19.83 -2.65 0.64
N PHE A 167 21.02 -2.33 1.16
CA PHE A 167 21.73 -1.15 0.68
C PHE A 167 22.11 -1.15 -0.79
N ARG A 168 21.91 -2.26 -1.48
CA ARG A 168 22.19 -2.28 -2.91
C ARG A 168 21.19 -1.34 -3.59
N SER A 169 20.07 -1.09 -2.91
CA SER A 169 19.02 -0.22 -3.45
C SER A 169 19.47 1.22 -3.67
N LEU A 170 20.38 1.71 -2.83
CA LEU A 170 20.85 3.08 -2.98
C LEU A 170 21.46 3.37 -4.35
N PRO A 171 22.47 2.58 -4.77
CA PRO A 171 23.03 2.88 -6.09
C PRO A 171 22.09 2.51 -7.25
N ILE A 172 21.20 1.55 -7.03
CA ILE A 172 20.27 1.17 -8.10
C ILE A 172 19.30 2.32 -8.35
N MET A 173 18.63 2.78 -7.30
CA MET A 173 17.66 3.88 -7.45
C MET A 173 18.33 5.19 -7.91
N LYS A 174 19.58 5.38 -7.55
CA LYS A 174 20.31 6.58 -7.94
C LYS A 174 20.34 6.74 -9.47
N GLN A 175 20.13 5.66 -10.18
CA GLN A 175 20.13 5.70 -11.65
C GLN A 175 19.05 6.61 -12.21
N TRP A 176 17.92 6.73 -11.52
CA TRP A 176 16.82 7.53 -12.03
C TRP A 176 16.23 8.62 -11.11
N ALA A 177 16.79 8.80 -9.93
CA ALA A 177 16.31 9.84 -9.02
C ALA A 177 17.28 10.06 -7.88
N LYS A 178 17.09 11.15 -7.13
CA LYS A 178 17.93 11.43 -5.98
C LYS A 178 17.44 10.47 -4.90
N VAL A 179 18.36 9.94 -4.11
CA VAL A 179 17.99 8.96 -3.08
C VAL A 179 18.10 9.44 -1.63
N ILE A 180 17.05 9.18 -0.86
CA ILE A 180 17.00 9.56 0.54
C ILE A 180 16.89 8.30 1.39
N TYR A 181 17.63 8.27 2.50
CA TYR A 181 17.56 7.12 3.39
C TYR A 181 16.73 7.47 4.63
N ASP A 182 15.67 6.70 4.85
CA ASP A 182 14.78 6.92 5.99
C ASP A 182 15.38 6.15 7.16
N ALA A 183 16.14 6.85 8.00
CA ALA A 183 16.82 6.24 9.14
C ALA A 183 15.94 5.73 10.29
N THR A 184 14.74 6.27 10.43
CA THR A 184 13.89 5.85 11.52
C THR A 184 12.84 4.78 11.19
N HIS A 185 12.28 4.81 9.98
CA HIS A 185 11.29 3.80 9.63
C HIS A 185 11.92 2.47 9.22
N SER A 186 13.16 2.50 8.76
CA SER A 186 13.84 1.29 8.34
C SER A 186 14.10 0.31 9.48
N VAL A 187 14.03 0.79 10.73
CA VAL A 187 14.26 -0.10 11.87
C VAL A 187 12.98 -0.47 12.61
N GLN A 188 11.85 0.02 12.14
CA GLN A 188 10.59 -0.29 12.81
C GLN A 188 10.19 -1.74 12.55
N LEU A 189 9.42 -2.30 13.48
CA LEU A 189 8.94 -3.67 13.36
C LEU A 189 7.44 -3.58 13.12
N PRO A 190 7.03 -3.65 11.84
CA PRO A 190 5.62 -3.58 11.44
C PRO A 190 4.68 -4.42 12.31
N GLY A 191 3.67 -3.77 12.87
CA GLY A 191 2.71 -4.46 13.72
C GLY A 191 3.37 -5.24 14.84
N GLY A 192 4.62 -4.90 15.14
CA GLY A 192 5.37 -5.59 16.19
C GLY A 192 4.75 -5.63 17.57
N LEU A 193 4.02 -4.57 17.95
CA LEU A 193 3.38 -4.51 19.26
C LEU A 193 1.89 -4.87 19.22
N GLY A 194 1.48 -5.55 18.15
CA GLY A 194 0.08 -5.93 18.01
C GLY A 194 -0.79 -4.82 17.47
N ASP A 195 -1.29 -3.96 18.36
CA ASP A 195 -2.14 -2.85 17.96
C ASP A 195 -1.32 -1.71 17.37
N LYS A 196 0.01 -1.83 17.46
CA LYS A 196 0.92 -0.82 16.93
C LYS A 196 2.22 -1.47 16.50
N SER A 197 3.01 -0.75 15.71
CA SER A 197 4.29 -1.26 15.22
C SER A 197 5.40 -1.06 16.25
N GLY A 198 6.43 -1.89 16.16
CA GLY A 198 7.55 -1.79 17.08
C GLY A 198 8.75 -1.12 16.44
N GLY A 199 9.93 -1.34 17.01
CA GLY A 199 11.13 -0.74 16.47
C GLY A 199 12.31 -0.87 17.41
N MET A 200 13.51 -0.86 16.85
CA MET A 200 14.74 -1.00 17.63
C MET A 200 15.64 0.21 17.40
N ARG A 201 15.54 1.19 18.30
CA ARG A 201 16.31 2.43 18.23
C ARG A 201 17.82 2.26 18.19
N GLU A 202 18.33 1.20 18.79
CA GLU A 202 19.77 0.95 18.83
C GLU A 202 20.38 0.77 17.45
N PHE A 203 19.55 0.50 16.45
CA PHE A 203 20.08 0.30 15.10
C PHE A 203 19.99 1.53 14.19
N ILE A 204 19.31 2.56 14.64
CA ILE A 204 19.17 3.78 13.83
C ILE A 204 20.53 4.34 13.41
N PHE A 205 21.38 4.63 14.39
CA PHE A 205 22.69 5.22 14.09
C PHE A 205 23.59 4.38 13.19
N PRO A 206 23.83 3.10 13.54
CA PRO A 206 24.70 2.32 12.66
C PRO A 206 24.22 2.22 11.21
N LEU A 207 22.92 2.04 11.02
CA LEU A 207 22.40 1.94 9.66
C LEU A 207 22.49 3.26 8.90
N ILE A 208 22.39 4.39 9.61
CA ILE A 208 22.50 5.67 8.91
C ILE A 208 23.96 5.87 8.49
N ARG A 209 24.89 5.37 9.30
CA ARG A 209 26.31 5.47 8.96
C ARG A 209 26.53 4.66 7.69
N ALA A 210 25.91 3.49 7.62
CA ALA A 210 26.02 2.64 6.43
C ALA A 210 25.51 3.41 5.20
N ALA A 211 24.35 4.03 5.33
CA ALA A 211 23.74 4.77 4.22
C ALA A 211 24.67 5.81 3.61
N VAL A 212 25.26 6.66 4.44
CA VAL A 212 26.15 7.68 3.91
C VAL A 212 27.46 7.09 3.40
N ALA A 213 27.87 5.95 3.93
CA ALA A 213 29.10 5.31 3.47
C ALA A 213 28.88 4.79 2.05
N VAL A 214 27.70 4.21 1.83
CA VAL A 214 27.33 3.70 0.50
C VAL A 214 27.18 4.91 -0.41
N GLY A 215 26.41 5.89 0.08
CA GLY A 215 26.19 7.11 -0.66
C GLY A 215 24.74 7.37 -1.02
N CYS A 216 24.21 8.48 -0.52
CA CYS A 216 22.84 8.87 -0.81
C CYS A 216 22.81 10.39 -0.89
N ASP A 217 21.67 10.95 -1.29
CA ASP A 217 21.56 12.41 -1.43
C ASP A 217 20.92 13.09 -0.23
N GLY A 218 20.60 12.29 0.78
CA GLY A 218 19.99 12.86 1.96
C GLY A 218 19.48 11.81 2.91
N VAL A 219 19.09 12.25 4.09
CA VAL A 219 18.57 11.33 5.09
C VAL A 219 17.29 11.91 5.66
N PHE A 220 16.42 11.01 6.09
CA PHE A 220 15.12 11.36 6.63
C PHE A 220 15.11 10.82 8.06
N MET A 221 14.82 11.69 9.03
CA MET A 221 14.78 11.27 10.43
C MET A 221 13.65 11.90 11.20
N GLU A 222 12.90 11.07 11.90
CA GLU A 222 11.81 11.59 12.74
C GLU A 222 12.48 11.87 14.07
N THR A 223 12.20 13.05 14.63
CA THR A 223 12.78 13.44 15.90
C THR A 223 11.71 14.09 16.75
N HIS A 224 11.74 13.81 18.05
CA HIS A 224 10.75 14.32 18.98
C HIS A 224 11.44 14.67 20.30
N PRO A 225 11.05 15.79 20.93
CA PRO A 225 11.68 16.17 22.20
C PRO A 225 11.69 15.01 23.19
N GLU A 226 10.57 14.30 23.29
CA GLU A 226 10.43 13.16 24.19
C GLU A 226 9.74 12.01 23.47
N PRO A 227 10.50 11.20 22.72
CA PRO A 227 9.97 10.05 21.97
C PRO A 227 9.00 9.16 22.76
N GLU A 228 9.36 8.85 24.00
CA GLU A 228 8.54 8.01 24.87
C GLU A 228 7.11 8.51 25.02
N LYS A 229 6.90 9.80 24.76
CA LYS A 229 5.58 10.39 24.88
C LYS A 229 4.92 10.69 23.53
N ALA A 230 5.57 10.27 22.45
CA ALA A 230 5.03 10.51 21.11
C ALA A 230 3.72 9.76 20.91
N LEU A 231 2.85 10.31 20.06
CA LEU A 231 1.56 9.70 19.78
C LEU A 231 1.67 8.71 18.61
N SER A 232 2.87 8.62 18.05
CA SER A 232 3.14 7.72 16.94
C SER A 232 4.65 7.47 16.86
N ASP A 233 5.04 6.24 16.55
CA ASP A 233 6.44 5.86 16.44
C ASP A 233 7.25 6.27 17.66
N ALA A 234 6.74 5.96 18.85
CA ALA A 234 7.42 6.31 20.08
C ALA A 234 8.71 5.49 20.23
N SER A 235 8.75 4.31 19.61
CA SER A 235 9.92 3.43 19.71
C SER A 235 11.03 3.77 18.72
N THR A 236 10.71 4.55 17.69
CA THR A 236 11.72 4.87 16.67
C THR A 236 12.10 6.33 16.53
N GLN A 237 11.28 7.26 17.01
CA GLN A 237 11.62 8.67 16.89
C GLN A 237 12.86 8.99 17.71
N LEU A 238 13.79 9.70 17.09
CA LEU A 238 15.04 10.09 17.72
C LEU A 238 14.89 11.26 18.68
N PRO A 239 15.46 11.14 19.89
CA PRO A 239 15.35 12.24 20.86
C PRO A 239 15.98 13.46 20.18
N LEU A 240 15.29 14.59 20.25
CA LEU A 240 15.75 15.83 19.61
C LEU A 240 17.17 16.28 19.98
N SER A 241 17.58 16.02 21.22
CA SER A 241 18.91 16.44 21.67
C SER A 241 20.01 15.66 20.99
N GLN A 242 19.67 14.53 20.39
CA GLN A 242 20.65 13.70 19.71
C GLN A 242 20.82 14.03 18.23
N LEU A 243 19.93 14.85 17.70
CA LEU A 243 19.98 15.20 16.28
C LEU A 243 21.29 15.83 15.82
N GLU A 244 21.76 16.86 16.53
CA GLU A 244 22.99 17.54 16.16
C GLU A 244 24.17 16.59 15.98
N GLY A 245 24.38 15.74 16.97
CA GLY A 245 25.49 14.78 16.93
C GLY A 245 25.38 13.80 15.78
N ILE A 246 24.17 13.31 15.51
CA ILE A 246 23.98 12.37 14.41
C ILE A 246 24.34 13.03 13.08
N ILE A 247 23.84 14.25 12.87
CA ILE A 247 24.12 14.98 11.63
C ILE A 247 25.61 15.24 11.44
N GLU A 248 26.30 15.66 12.49
CA GLU A 248 27.73 15.91 12.38
C GLU A 248 28.42 14.62 11.93
N ALA A 249 28.08 13.51 12.59
CA ALA A 249 28.68 12.24 12.26
C ALA A 249 28.46 11.81 10.81
N ILE A 250 27.24 11.93 10.30
CA ILE A 250 27.02 11.51 8.92
C ILE A 250 27.69 12.43 7.91
N LEU A 251 27.87 13.70 8.26
CA LEU A 251 28.54 14.64 7.36
C LEU A 251 30.02 14.25 7.31
N GLU A 252 30.56 13.83 8.45
CA GLU A 252 31.95 13.41 8.53
C GLU A 252 32.17 12.13 7.73
N ILE A 253 31.29 11.17 7.92
CA ILE A 253 31.41 9.91 7.20
C ILE A 253 31.19 10.13 5.71
N ARG A 254 30.23 10.98 5.37
CA ARG A 254 29.94 11.29 3.97
C ARG A 254 31.18 11.87 3.30
N GLU A 255 31.80 12.84 3.95
CA GLU A 255 32.98 13.49 3.41
C GLU A 255 34.12 12.52 3.10
N VAL A 256 34.50 11.70 4.07
CA VAL A 256 35.61 10.77 3.85
C VAL A 256 35.26 9.67 2.84
N ALA A 257 33.98 9.30 2.77
CA ALA A 257 33.58 8.25 1.84
C ALA A 257 33.31 8.79 0.42
N SER A 258 32.94 10.07 0.34
CA SER A 258 32.59 10.70 -0.94
C SER A 258 33.47 10.47 -2.15
N LYS A 259 34.78 10.49 -1.98
CA LYS A 259 35.66 10.30 -3.12
C LYS A 259 35.53 8.91 -3.74
N TYR A 260 34.92 7.97 -3.01
CA TYR A 260 34.76 6.61 -3.51
C TYR A 260 33.37 6.31 -4.07
N TYR A 261 32.47 7.28 -3.96
CA TYR A 261 31.12 7.10 -4.49
C TYR A 261 31.24 6.82 -5.99
N GLU A 262 30.59 5.75 -6.45
CA GLU A 262 30.63 5.38 -7.87
C GLU A 262 29.77 6.29 -8.75
N THR A 263 30.22 6.50 -9.98
CA THR A 263 29.48 7.33 -10.91
C THR A 263 28.42 6.49 -11.61
N ILE A 264 27.19 7.00 -11.64
CA ILE A 264 26.08 6.28 -12.28
C ILE A 264 26.00 6.57 -13.78
N LYS B 3 -22.87 -20.66 2.35
CA LYS B 3 -22.36 -21.56 1.27
C LYS B 3 -21.02 -21.09 0.72
N PHE B 4 -20.30 -22.00 0.07
CA PHE B 4 -18.99 -21.70 -0.49
C PHE B 4 -19.08 -20.59 -1.55
N LEU B 5 -18.18 -19.62 -1.41
CA LEU B 5 -18.17 -18.48 -2.33
C LEU B 5 -17.16 -18.65 -3.45
N VAL B 6 -17.57 -18.27 -4.66
CA VAL B 6 -16.69 -18.31 -5.82
C VAL B 6 -16.81 -16.95 -6.51
N ILE B 7 -15.82 -16.11 -6.28
CA ILE B 7 -15.78 -14.78 -6.87
C ILE B 7 -14.97 -14.93 -8.15
N ALA B 8 -15.57 -14.59 -9.29
CA ALA B 8 -14.87 -14.72 -10.56
C ALA B 8 -15.31 -13.69 -11.59
N GLY B 9 -14.49 -13.54 -12.62
CA GLY B 9 -14.79 -12.59 -13.67
C GLY B 9 -13.50 -12.05 -14.28
N PRO B 10 -13.59 -11.20 -15.31
CA PRO B 10 -12.40 -10.63 -15.96
C PRO B 10 -11.72 -9.60 -15.06
N CYS B 11 -10.40 -9.58 -15.08
CA CYS B 11 -9.64 -8.64 -14.24
C CYS B 11 -10.14 -7.21 -14.39
N ALA B 12 -10.13 -6.72 -15.62
CA ALA B 12 -10.56 -5.35 -15.90
C ALA B 12 -11.80 -5.33 -16.80
N ILE B 13 -12.59 -4.26 -16.68
CA ILE B 13 -13.78 -4.12 -17.50
C ILE B 13 -13.32 -3.55 -18.83
N GLU B 14 -12.82 -4.43 -19.70
CA GLU B 14 -12.31 -4.02 -21.01
C GLU B 14 -13.44 -3.54 -21.91
N SER B 15 -14.67 -3.89 -21.54
CA SER B 15 -15.88 -3.51 -22.27
C SER B 15 -17.04 -4.29 -21.67
N GLU B 16 -18.19 -3.66 -21.49
CA GLU B 16 -19.33 -4.37 -20.92
C GLU B 16 -19.67 -5.59 -21.77
N GLU B 17 -19.25 -5.55 -23.03
CA GLU B 17 -19.51 -6.66 -23.94
C GLU B 17 -18.78 -7.89 -23.41
N LEU B 18 -17.54 -7.70 -22.97
CA LEU B 18 -16.74 -8.78 -22.42
C LEU B 18 -17.38 -9.28 -21.13
N LEU B 19 -17.84 -8.35 -20.30
CA LEU B 19 -18.47 -8.70 -19.04
C LEU B 19 -19.70 -9.56 -19.24
N LEU B 20 -20.45 -9.29 -20.30
CA LEU B 20 -21.67 -10.04 -20.59
C LEU B 20 -21.34 -11.47 -21.01
N LYS B 21 -20.26 -11.63 -21.78
CA LYS B 21 -19.84 -12.95 -22.22
C LYS B 21 -19.44 -13.78 -21.00
N VAL B 22 -18.55 -13.23 -20.19
CA VAL B 22 -18.10 -13.92 -18.98
C VAL B 22 -19.29 -14.10 -18.05
N GLY B 23 -20.18 -13.10 -18.02
CA GLY B 23 -21.34 -13.17 -17.16
C GLY B 23 -22.26 -14.32 -17.53
N GLU B 24 -22.35 -14.64 -18.82
CA GLU B 24 -23.20 -15.73 -19.28
C GLU B 24 -22.69 -17.08 -18.78
N GLU B 25 -21.37 -17.26 -18.83
CA GLU B 25 -20.77 -18.51 -18.37
C GLU B 25 -20.91 -18.63 -16.86
N ILE B 26 -20.68 -17.53 -16.14
CA ILE B 26 -20.80 -17.58 -14.69
C ILE B 26 -22.25 -17.82 -14.28
N LYS B 27 -23.19 -17.37 -15.10
CA LYS B 27 -24.60 -17.57 -14.81
C LYS B 27 -24.91 -19.06 -14.99
N ARG B 28 -24.39 -19.63 -16.07
CA ARG B 28 -24.59 -21.05 -16.37
C ARG B 28 -24.05 -21.92 -15.24
N LEU B 29 -22.83 -21.63 -14.79
CA LEU B 29 -22.23 -22.38 -13.70
C LEU B 29 -23.07 -22.17 -12.44
N SER B 30 -23.58 -20.95 -12.30
CA SER B 30 -24.40 -20.59 -11.15
C SER B 30 -25.60 -21.52 -11.03
N GLU B 31 -26.18 -21.90 -12.17
CA GLU B 31 -27.33 -22.78 -12.20
C GLU B 31 -26.91 -24.23 -12.00
N LYS B 32 -25.70 -24.56 -12.44
CA LYS B 32 -25.19 -25.91 -12.31
C LYS B 32 -24.73 -26.23 -10.89
N PHE B 33 -24.17 -25.23 -10.19
CA PHE B 33 -23.70 -25.45 -8.83
C PHE B 33 -24.48 -24.60 -7.82
N LYS B 34 -25.68 -25.06 -7.48
CA LYS B 34 -26.53 -24.34 -6.53
C LYS B 34 -25.93 -24.29 -5.13
N GLU B 35 -24.97 -25.17 -4.87
CA GLU B 35 -24.30 -25.24 -3.58
C GLU B 35 -23.39 -24.02 -3.39
N VAL B 36 -22.96 -23.44 -4.50
CA VAL B 36 -22.06 -22.29 -4.50
C VAL B 36 -22.72 -20.94 -4.72
N GLU B 37 -22.19 -19.93 -4.05
CA GLU B 37 -22.68 -18.56 -4.20
C GLU B 37 -21.65 -17.87 -5.09
N PHE B 38 -22.04 -17.59 -6.33
CA PHE B 38 -21.15 -16.92 -7.27
C PHE B 38 -21.26 -15.40 -7.15
N VAL B 39 -20.14 -14.72 -7.38
CA VAL B 39 -20.10 -13.27 -7.34
C VAL B 39 -19.28 -12.84 -8.54
N PHE B 40 -19.85 -12.00 -9.40
CA PHE B 40 -19.15 -11.53 -10.59
C PHE B 40 -18.21 -10.38 -10.22
N LYS B 41 -16.95 -10.48 -10.64
CA LYS B 41 -15.97 -9.45 -10.33
C LYS B 41 -15.28 -8.88 -11.55
N SER B 42 -14.98 -7.59 -11.50
CA SER B 42 -14.27 -6.90 -12.57
C SER B 42 -13.98 -5.48 -12.09
N SER B 43 -12.77 -5.03 -12.35
CA SER B 43 -12.32 -3.70 -11.92
C SER B 43 -12.63 -2.62 -12.96
N PHE B 44 -13.19 -1.51 -12.50
CA PHE B 44 -13.49 -0.41 -13.41
C PHE B 44 -12.25 0.43 -13.64
N ASP B 45 -11.21 0.19 -12.84
CA ASP B 45 -9.96 0.92 -12.98
C ASP B 45 -8.77 0.22 -12.33
N LYS B 46 -7.70 0.06 -13.09
CA LYS B 46 -6.49 -0.54 -12.55
C LYS B 46 -5.68 0.69 -12.15
N ALA B 47 -5.91 1.12 -10.92
CA ALA B 47 -5.27 2.32 -10.37
C ALA B 47 -3.83 2.17 -9.89
N ASN B 48 -3.30 0.95 -9.91
CA ASN B 48 -1.94 0.72 -9.44
C ASN B 48 -0.99 0.04 -10.41
N ARG B 49 -1.20 0.20 -11.72
CA ARG B 49 -0.31 -0.43 -12.71
C ARG B 49 1.13 0.06 -12.52
N SER B 50 2.09 -0.78 -12.84
CA SER B 50 3.50 -0.39 -12.70
C SER B 50 3.85 0.74 -13.67
N SER B 51 3.41 0.59 -14.92
CA SER B 51 3.69 1.57 -15.95
C SER B 51 2.58 2.59 -16.19
N ILE B 52 2.98 3.83 -16.49
CA ILE B 52 2.04 4.90 -16.77
C ILE B 52 1.35 4.63 -18.11
N HIS B 53 2.00 3.85 -18.96
CA HIS B 53 1.48 3.52 -20.28
C HIS B 53 0.61 2.26 -20.36
N SER B 54 0.29 1.66 -19.22
CA SER B 54 -0.53 0.46 -19.19
C SER B 54 -2.02 0.77 -19.13
N PHE B 55 -2.84 -0.23 -19.43
CA PHE B 55 -4.29 -0.07 -19.43
C PHE B 55 -4.87 0.12 -18.04
N ARG B 56 -5.71 1.13 -17.89
CA ARG B 56 -6.34 1.39 -16.60
C ARG B 56 -7.83 1.06 -16.63
N GLY B 57 -8.49 1.44 -17.73
CA GLY B 57 -9.92 1.16 -17.84
C GLY B 57 -10.69 2.26 -18.56
N HIS B 58 -12.02 2.20 -18.45
CA HIS B 58 -12.88 3.19 -19.09
C HIS B 58 -13.54 4.13 -18.11
N GLY B 59 -13.16 4.03 -16.84
CA GLY B 59 -13.73 4.92 -15.84
C GLY B 59 -14.79 4.30 -14.96
N LEU B 60 -15.05 4.95 -13.83
CA LEU B 60 -16.03 4.50 -12.87
C LEU B 60 -17.44 4.45 -13.43
N GLU B 61 -17.87 5.51 -14.11
CA GLU B 61 -19.22 5.55 -14.66
C GLU B 61 -19.47 4.42 -15.67
N TYR B 62 -18.60 4.31 -16.67
CA TYR B 62 -18.73 3.26 -17.67
C TYR B 62 -18.65 1.89 -17.00
N GLY B 63 -17.86 1.81 -15.93
CA GLY B 63 -17.71 0.57 -15.20
C GLY B 63 -18.94 0.16 -14.43
N VAL B 64 -19.43 1.06 -13.58
CA VAL B 64 -20.62 0.79 -12.78
C VAL B 64 -21.81 0.48 -13.68
N LYS B 65 -21.82 1.08 -14.87
CA LYS B 65 -22.88 0.88 -15.83
C LYS B 65 -22.84 -0.56 -16.36
N ALA B 66 -21.65 -0.99 -16.77
CA ALA B 66 -21.46 -2.33 -17.30
C ALA B 66 -21.79 -3.37 -16.23
N LEU B 67 -21.40 -3.09 -14.99
CA LEU B 67 -21.67 -4.00 -13.90
C LEU B 67 -23.17 -4.09 -13.62
N ARG B 68 -23.87 -3.00 -13.90
CA ARG B 68 -25.32 -2.97 -13.70
C ARG B 68 -25.95 -3.92 -14.71
N LYS B 69 -25.48 -3.85 -15.94
CA LYS B 69 -25.97 -4.69 -17.02
C LYS B 69 -25.84 -6.17 -16.70
N VAL B 70 -24.74 -6.54 -16.05
CA VAL B 70 -24.50 -7.94 -15.68
C VAL B 70 -25.49 -8.39 -14.60
N LYS B 71 -25.66 -7.58 -13.57
CA LYS B 71 -26.57 -7.93 -12.49
C LYS B 71 -28.03 -7.99 -12.95
N GLU B 72 -28.40 -7.09 -13.85
CA GLU B 72 -29.77 -7.04 -14.36
C GLU B 72 -30.03 -8.20 -15.33
N GLU B 73 -29.12 -8.38 -16.27
CA GLU B 73 -29.26 -9.43 -17.28
C GLU B 73 -29.09 -10.85 -16.76
N PHE B 74 -28.32 -11.03 -15.69
CA PHE B 74 -28.11 -12.38 -15.16
C PHE B 74 -28.50 -12.59 -13.71
N GLY B 75 -28.76 -11.51 -12.98
CA GLY B 75 -29.14 -11.64 -11.59
C GLY B 75 -28.00 -12.14 -10.72
N LEU B 76 -26.78 -11.77 -11.08
CA LEU B 76 -25.58 -12.18 -10.33
C LEU B 76 -25.12 -11.08 -9.38
N LYS B 77 -24.69 -11.47 -8.19
CA LYS B 77 -24.18 -10.47 -7.24
C LYS B 77 -22.92 -9.86 -7.85
N ILE B 78 -22.56 -8.68 -7.40
CA ILE B 78 -21.41 -7.97 -7.95
C ILE B 78 -20.36 -7.53 -6.93
N THR B 79 -19.11 -7.45 -7.39
CA THR B 79 -18.01 -6.98 -6.58
C THR B 79 -16.98 -6.30 -7.47
N THR B 80 -16.43 -5.19 -6.98
CA THR B 80 -15.41 -4.46 -7.70
C THR B 80 -14.63 -3.72 -6.62
N ASP B 81 -13.42 -3.27 -6.95
CA ASP B 81 -12.60 -2.59 -5.96
C ASP B 81 -12.61 -1.06 -6.07
N ILE B 82 -12.42 -0.40 -4.94
CA ILE B 82 -12.37 1.06 -4.90
C ILE B 82 -10.94 1.47 -4.56
N HIS B 83 -10.56 2.68 -4.92
CA HIS B 83 -9.19 3.13 -4.68
C HIS B 83 -9.08 4.40 -3.86
N GLU B 84 -10.19 5.13 -3.74
CA GLU B 84 -10.25 6.34 -2.93
C GLU B 84 -11.64 6.41 -2.29
N SER B 85 -11.69 7.00 -1.11
CA SER B 85 -12.92 7.10 -0.32
C SER B 85 -14.19 7.53 -1.07
N TRP B 86 -14.09 8.57 -1.88
CA TRP B 86 -15.26 9.08 -2.60
C TRP B 86 -15.94 8.04 -3.50
N GLN B 87 -15.18 7.04 -3.92
CA GLN B 87 -15.72 6.01 -4.80
C GLN B 87 -16.67 5.02 -4.12
N ALA B 88 -16.55 4.87 -2.82
CA ALA B 88 -17.38 3.92 -2.08
C ALA B 88 -18.88 4.03 -2.35
N GLU B 89 -19.44 5.23 -2.13
CA GLU B 89 -20.88 5.45 -2.33
C GLU B 89 -21.41 5.08 -3.72
N PRO B 90 -20.87 5.68 -4.78
CA PRO B 90 -21.34 5.35 -6.13
C PRO B 90 -21.15 3.88 -6.54
N VAL B 91 -20.09 3.25 -6.03
CA VAL B 91 -19.83 1.85 -6.34
C VAL B 91 -20.83 0.95 -5.62
N ALA B 92 -21.20 1.34 -4.41
CA ALA B 92 -22.14 0.59 -3.60
C ALA B 92 -23.52 0.47 -4.24
N GLU B 93 -23.78 1.30 -5.25
CA GLU B 93 -25.07 1.27 -5.93
C GLU B 93 -25.28 -0.08 -6.61
N VAL B 94 -24.19 -0.68 -7.08
CA VAL B 94 -24.26 -1.96 -7.77
C VAL B 94 -23.51 -3.09 -7.05
N ALA B 95 -22.34 -2.79 -6.51
CA ALA B 95 -21.51 -3.78 -5.83
C ALA B 95 -22.10 -4.32 -4.53
N ASP B 96 -22.30 -5.63 -4.48
CA ASP B 96 -22.82 -6.28 -3.28
C ASP B 96 -21.67 -6.39 -2.29
N ILE B 97 -20.46 -6.53 -2.83
CA ILE B 97 -19.24 -6.64 -2.03
C ILE B 97 -18.25 -5.61 -2.55
N ILE B 98 -17.76 -4.75 -1.67
CA ILE B 98 -16.78 -3.74 -2.06
C ILE B 98 -15.40 -4.30 -1.74
N GLN B 99 -14.52 -4.31 -2.73
CA GLN B 99 -13.18 -4.85 -2.57
C GLN B 99 -12.12 -3.79 -2.29
N ILE B 100 -11.30 -4.03 -1.28
CA ILE B 100 -10.22 -3.12 -0.89
C ILE B 100 -8.90 -3.68 -1.41
N PRO B 101 -8.19 -2.92 -2.28
CA PRO B 101 -6.91 -3.36 -2.84
C PRO B 101 -5.88 -3.73 -1.78
N ALA B 102 -4.99 -4.66 -2.13
CA ALA B 102 -3.95 -5.13 -1.20
C ALA B 102 -3.06 -4.00 -0.69
N PHE B 103 -2.56 -3.16 -1.61
CA PHE B 103 -1.70 -2.05 -1.18
C PHE B 103 -2.44 -1.06 -0.28
N LEU B 104 -3.77 -1.06 -0.36
CA LEU B 104 -4.57 -0.12 0.42
C LEU B 104 -5.26 -0.70 1.65
N CYS B 105 -4.91 -1.93 2.03
CA CYS B 105 -5.54 -2.57 3.17
C CYS B 105 -5.36 -1.89 4.53
N ARG B 106 -4.48 -0.90 4.59
CA ARG B 106 -4.25 -0.18 5.84
C ARG B 106 -4.78 1.26 5.79
N GLN B 107 -5.41 1.62 4.68
CA GLN B 107 -5.94 2.97 4.55
C GLN B 107 -7.28 3.09 5.27
N THR B 108 -7.21 3.57 6.49
CA THR B 108 -8.37 3.73 7.36
C THR B 108 -9.61 4.36 6.71
N ASP B 109 -9.44 5.50 6.03
CA ASP B 109 -10.59 6.16 5.41
C ASP B 109 -11.26 5.34 4.30
N LEU B 110 -10.47 4.57 3.56
CA LEU B 110 -11.02 3.76 2.47
C LEU B 110 -11.87 2.65 3.09
N LEU B 111 -11.36 2.05 4.16
CA LEU B 111 -12.08 0.99 4.86
C LEU B 111 -13.37 1.51 5.48
N LEU B 112 -13.29 2.68 6.10
CA LEU B 112 -14.46 3.27 6.73
C LEU B 112 -15.50 3.68 5.69
N ALA B 113 -15.03 4.22 4.57
CA ALA B 113 -15.93 4.62 3.49
C ALA B 113 -16.68 3.41 2.97
N ALA B 114 -15.99 2.29 2.82
CA ALA B 114 -16.63 1.07 2.32
C ALA B 114 -17.62 0.54 3.34
N ALA B 115 -17.22 0.51 4.61
CA ALA B 115 -18.09 0.01 5.68
C ALA B 115 -19.37 0.82 5.81
N LYS B 116 -19.25 2.14 5.65
CA LYS B 116 -20.38 3.05 5.78
C LYS B 116 -21.50 2.85 4.75
N THR B 117 -21.18 2.20 3.62
CA THR B 117 -22.19 1.97 2.57
C THR B 117 -23.18 0.87 2.97
N GLY B 118 -22.84 0.12 4.01
CA GLY B 118 -23.71 -0.96 4.44
C GLY B 118 -23.42 -2.28 3.72
N ARG B 119 -22.67 -2.20 2.63
CA ARG B 119 -22.31 -3.37 1.84
C ARG B 119 -21.27 -4.25 2.52
N ALA B 120 -21.06 -5.44 1.96
CA ALA B 120 -20.06 -6.36 2.48
C ALA B 120 -18.71 -5.84 1.99
N VAL B 121 -17.66 -6.07 2.77
CA VAL B 121 -16.33 -5.61 2.41
C VAL B 121 -15.32 -6.75 2.38
N ASN B 122 -14.59 -6.86 1.29
CA ASN B 122 -13.55 -7.90 1.12
C ASN B 122 -12.20 -7.20 1.02
N VAL B 123 -11.34 -7.41 2.00
CA VAL B 123 -10.03 -6.77 2.00
C VAL B 123 -8.92 -7.70 1.53
N LYS B 124 -8.25 -7.33 0.44
CA LYS B 124 -7.13 -8.13 -0.05
C LYS B 124 -6.01 -7.91 0.98
N LYS B 125 -5.48 -9.00 1.54
CA LYS B 125 -4.39 -8.89 2.53
C LYS B 125 -3.11 -8.39 1.85
N GLY B 126 -2.59 -7.25 2.31
CA GLY B 126 -1.38 -6.70 1.74
C GLY B 126 -0.21 -7.67 1.76
N GLN B 127 0.64 -7.60 0.74
CA GLN B 127 1.80 -8.47 0.61
C GLN B 127 2.80 -8.22 1.74
N PHE B 128 2.61 -7.13 2.46
CA PHE B 128 3.48 -6.72 3.56
C PHE B 128 2.90 -7.06 4.93
N LEU B 129 1.67 -7.56 4.95
CA LEU B 129 0.98 -7.90 6.19
C LEU B 129 1.16 -9.33 6.71
N ALA B 130 1.28 -9.47 8.03
CA ALA B 130 1.38 -10.79 8.64
C ALA B 130 -0.08 -11.20 8.83
N PRO B 131 -0.36 -12.52 8.86
CA PRO B 131 -1.75 -12.97 9.03
C PRO B 131 -2.44 -12.39 10.26
N TRP B 132 -1.75 -12.42 11.39
CA TRP B 132 -2.32 -11.92 12.63
C TRP B 132 -2.57 -10.40 12.63
N ASP B 133 -1.92 -9.70 11.70
CA ASP B 133 -2.11 -8.26 11.63
C ASP B 133 -3.42 -7.89 10.96
N THR B 134 -4.16 -8.87 10.45
CA THR B 134 -5.44 -8.59 9.82
C THR B 134 -6.54 -8.41 10.87
N LYS B 135 -6.25 -8.79 12.10
CA LYS B 135 -7.24 -8.64 13.17
C LYS B 135 -7.63 -7.17 13.27
N ASN B 136 -6.64 -6.28 13.25
CA ASN B 136 -6.91 -4.85 13.34
C ASN B 136 -7.66 -4.35 12.12
N VAL B 137 -7.43 -4.95 10.96
CA VAL B 137 -8.12 -4.54 9.74
C VAL B 137 -9.62 -4.77 9.95
N VAL B 138 -9.95 -5.96 10.44
CA VAL B 138 -11.34 -6.33 10.70
C VAL B 138 -11.96 -5.35 11.69
N GLU B 139 -11.23 -5.05 12.76
CA GLU B 139 -11.71 -4.13 13.78
C GLU B 139 -12.09 -2.78 13.18
N LYS B 140 -11.30 -2.30 12.22
CA LYS B 140 -11.61 -1.02 11.60
C LYS B 140 -12.97 -1.10 10.90
N LEU B 141 -13.17 -2.18 10.14
CA LEU B 141 -14.42 -2.36 9.43
C LEU B 141 -15.61 -2.50 10.37
N LYS B 142 -15.43 -3.24 11.46
CA LYS B 142 -16.50 -3.41 12.43
C LYS B 142 -16.84 -2.05 13.04
N PHE B 143 -15.80 -1.29 13.38
CA PHE B 143 -15.98 0.05 13.95
C PHE B 143 -16.76 0.92 12.97
N GLY B 144 -16.57 0.66 11.68
CA GLY B 144 -17.24 1.43 10.65
C GLY B 144 -18.64 0.94 10.32
N GLY B 145 -19.10 -0.08 11.03
CA GLY B 145 -20.44 -0.60 10.80
C GLY B 145 -20.56 -1.77 9.85
N ALA B 146 -19.42 -2.34 9.45
CA ALA B 146 -19.44 -3.48 8.55
C ALA B 146 -19.80 -4.74 9.32
N LYS B 147 -20.57 -5.62 8.68
CA LYS B 147 -20.97 -6.87 9.33
C LYS B 147 -20.61 -8.11 8.53
N GLU B 148 -20.53 -7.97 7.21
CA GLU B 148 -20.14 -9.10 6.37
C GLU B 148 -18.73 -8.73 5.92
N ILE B 149 -17.74 -9.31 6.59
CA ILE B 149 -16.34 -9.01 6.30
C ILE B 149 -15.53 -10.21 5.80
N TYR B 150 -14.74 -9.98 4.75
CA TYR B 150 -13.91 -11.02 4.18
C TYR B 150 -12.46 -10.58 4.13
N LEU B 151 -11.55 -11.55 4.25
CA LEU B 151 -10.12 -11.30 4.17
C LEU B 151 -9.63 -12.22 3.07
N THR B 152 -8.94 -11.67 2.07
CA THR B 152 -8.44 -12.49 0.98
C THR B 152 -6.94 -12.70 0.95
N GLU B 153 -6.55 -13.97 0.90
CA GLU B 153 -5.15 -14.37 0.84
C GLU B 153 -4.70 -14.22 -0.61
N ARG B 154 -3.66 -13.42 -0.83
CA ARG B 154 -3.16 -13.23 -2.19
C ARG B 154 -1.65 -13.24 -2.30
N GLY B 155 -1.00 -13.91 -1.35
CA GLY B 155 0.45 -14.02 -1.36
C GLY B 155 1.17 -13.01 -0.50
N THR B 156 2.40 -13.33 -0.13
CA THR B 156 3.21 -12.45 0.70
C THR B 156 4.55 -12.20 0.02
N THR B 157 5.09 -11.01 0.19
CA THR B 157 6.37 -10.65 -0.41
C THR B 157 7.45 -11.65 0.02
N PHE B 158 8.11 -12.25 -0.96
CA PHE B 158 9.14 -13.25 -0.71
C PHE B 158 10.35 -12.88 -1.57
N GLY B 159 11.22 -12.05 -1.04
CA GLY B 159 12.36 -11.60 -1.82
C GLY B 159 11.83 -10.60 -2.81
N TYR B 160 12.52 -10.41 -3.94
CA TYR B 160 12.07 -9.46 -4.94
C TYR B 160 11.30 -10.14 -6.08
N ASN B 161 10.27 -9.45 -6.57
CA ASN B 161 9.46 -9.94 -7.68
C ASN B 161 8.93 -11.36 -7.54
N ASN B 162 8.50 -11.70 -6.33
CA ASN B 162 7.98 -13.03 -6.08
C ASN B 162 7.08 -13.01 -4.87
N LEU B 163 6.06 -13.87 -4.89
CA LEU B 163 5.12 -13.98 -3.78
C LEU B 163 5.05 -15.44 -3.39
N VAL B 164 4.87 -15.70 -2.11
CA VAL B 164 4.73 -17.06 -1.62
C VAL B 164 3.40 -17.09 -0.87
N VAL B 165 2.69 -18.21 -0.94
CA VAL B 165 1.44 -18.34 -0.22
C VAL B 165 1.72 -19.15 1.04
N ASP B 166 1.64 -18.50 2.19
CA ASP B 166 1.85 -19.17 3.47
C ASP B 166 0.45 -19.64 3.85
N PHE B 167 0.16 -20.92 3.66
CA PHE B 167 -1.19 -21.40 3.96
C PHE B 167 -1.59 -21.39 5.43
N ARG B 168 -0.64 -21.12 6.32
CA ARG B 168 -0.94 -21.02 7.74
C ARG B 168 -1.88 -19.82 7.94
N SER B 169 -1.88 -18.89 7.00
CA SER B 169 -2.72 -17.70 7.08
C SER B 169 -4.22 -18.00 7.08
N LEU B 170 -4.63 -19.03 6.34
CA LEU B 170 -6.04 -19.38 6.27
C LEU B 170 -6.64 -19.65 7.66
N PRO B 171 -6.10 -20.62 8.40
CA PRO B 171 -6.66 -20.86 9.73
C PRO B 171 -6.52 -19.67 10.69
N ILE B 172 -5.46 -18.89 10.52
CA ILE B 172 -5.25 -17.74 11.39
C ILE B 172 -6.29 -16.64 11.15
N MET B 173 -6.47 -16.24 9.90
CA MET B 173 -7.42 -15.18 9.58
C MET B 173 -8.87 -15.58 9.85
N LYS B 174 -9.13 -16.89 9.81
CA LYS B 174 -10.46 -17.41 10.06
C LYS B 174 -10.95 -17.11 11.48
N GLN B 175 -10.04 -16.75 12.37
CA GLN B 175 -10.43 -16.45 13.75
C GLN B 175 -11.28 -15.19 13.84
N TRP B 176 -11.15 -14.30 12.86
CA TRP B 176 -11.91 -13.05 12.91
C TRP B 176 -12.60 -12.62 11.62
N ALA B 177 -12.65 -13.50 10.62
CA ALA B 177 -13.31 -13.16 9.37
C ALA B 177 -13.40 -14.36 8.43
N LYS B 178 -14.27 -14.25 7.42
CA LYS B 178 -14.41 -15.31 6.44
C LYS B 178 -13.19 -15.15 5.55
N VAL B 179 -12.59 -16.26 5.13
CA VAL B 179 -11.40 -16.21 4.32
C VAL B 179 -11.58 -16.65 2.88
N ILE B 180 -11.08 -15.84 1.96
CA ILE B 180 -11.15 -16.12 0.54
C ILE B 180 -9.72 -16.31 0.02
N TYR B 181 -9.53 -17.28 -0.86
CA TYR B 181 -8.21 -17.49 -1.43
C TYR B 181 -8.16 -16.96 -2.86
N ASP B 182 -7.26 -16.02 -3.11
CA ASP B 182 -7.10 -15.44 -4.44
C ASP B 182 -6.18 -16.40 -5.22
N ALA B 183 -6.78 -17.21 -6.08
CA ALA B 183 -6.03 -18.19 -6.85
C ALA B 183 -5.20 -17.67 -8.02
N THR B 184 -5.55 -16.47 -8.50
CA THR B 184 -4.83 -15.94 -9.65
C THR B 184 -3.70 -14.95 -9.34
N HIS B 185 -3.88 -14.11 -8.33
CA HIS B 185 -2.83 -13.14 -7.99
C HIS B 185 -1.75 -13.71 -7.10
N SER B 186 -2.04 -14.83 -6.44
CA SER B 186 -1.08 -15.45 -5.55
C SER B 186 0.10 -16.07 -6.30
N VAL B 187 -0.08 -16.35 -7.58
CA VAL B 187 0.99 -16.95 -8.38
C VAL B 187 1.67 -15.93 -9.29
N GLN B 188 1.24 -14.67 -9.18
CA GLN B 188 1.82 -13.60 -10.00
C GLN B 188 3.17 -13.17 -9.45
N LEU B 189 4.05 -12.74 -10.36
CA LEU B 189 5.38 -12.28 -9.97
C LEU B 189 5.39 -10.75 -10.08
N PRO B 190 5.36 -10.05 -8.94
CA PRO B 190 5.36 -8.58 -8.89
C PRO B 190 6.40 -7.93 -9.82
N GLY B 191 5.98 -6.90 -10.55
CA GLY B 191 6.88 -6.21 -11.46
C GLY B 191 7.34 -7.11 -12.60
N GLY B 199 3.45 -14.10 -13.69
CA GLY B 199 3.23 -15.25 -12.84
C GLY B 199 3.11 -16.53 -13.64
N MET B 200 3.11 -17.68 -12.95
CA MET B 200 3.00 -18.97 -13.62
C MET B 200 1.60 -19.56 -13.51
N ARG B 201 0.90 -19.64 -14.63
CA ARG B 201 -0.45 -20.18 -14.69
C ARG B 201 -0.48 -21.66 -14.28
N GLU B 202 0.65 -22.33 -14.44
CA GLU B 202 0.77 -23.75 -14.10
C GLU B 202 0.57 -24.03 -12.61
N PHE B 203 0.67 -22.99 -11.77
CA PHE B 203 0.52 -23.20 -10.33
C PHE B 203 -0.86 -22.83 -9.79
N ILE B 204 -1.70 -22.22 -10.62
CA ILE B 204 -3.02 -21.81 -10.18
C ILE B 204 -3.88 -22.94 -9.60
N PHE B 205 -4.07 -24.01 -10.38
CA PHE B 205 -4.89 -25.15 -9.96
C PHE B 205 -4.28 -25.86 -8.74
N PRO B 206 -2.98 -26.16 -8.78
CA PRO B 206 -2.33 -26.83 -7.65
C PRO B 206 -2.54 -26.10 -6.32
N LEU B 207 -2.37 -24.79 -6.31
CA LEU B 207 -2.53 -24.03 -5.08
C LEU B 207 -3.98 -23.82 -4.66
N ILE B 208 -4.89 -23.84 -5.62
CA ILE B 208 -6.29 -23.69 -5.27
C ILE B 208 -6.71 -25.00 -4.59
N ARG B 209 -6.18 -26.13 -5.06
CA ARG B 209 -6.51 -27.41 -4.44
C ARG B 209 -6.02 -27.38 -2.98
N ALA B 210 -4.84 -26.81 -2.78
CA ALA B 210 -4.28 -26.70 -1.43
C ALA B 210 -5.19 -25.85 -0.54
N ALA B 211 -5.66 -24.73 -1.07
CA ALA B 211 -6.53 -23.83 -0.31
C ALA B 211 -7.78 -24.52 0.21
N VAL B 212 -8.43 -25.32 -0.62
CA VAL B 212 -9.65 -26.00 -0.19
C VAL B 212 -9.33 -27.17 0.72
N ALA B 213 -8.16 -27.78 0.54
CA ALA B 213 -7.76 -28.89 1.40
C ALA B 213 -7.50 -28.33 2.80
N VAL B 214 -6.92 -27.13 2.86
CA VAL B 214 -6.64 -26.48 4.13
C VAL B 214 -7.93 -26.01 4.77
N GLY B 215 -8.76 -25.36 3.96
CA GLY B 215 -10.02 -24.85 4.45
C GLY B 215 -10.17 -23.35 4.30
N CYS B 216 -11.08 -22.93 3.43
CA CYS B 216 -11.35 -21.51 3.24
C CYS B 216 -12.85 -21.37 2.97
N ASP B 217 -13.33 -20.13 2.92
CA ASP B 217 -14.76 -19.90 2.72
C ASP B 217 -15.12 -19.59 1.27
N GLY B 218 -14.10 -19.47 0.43
CA GLY B 218 -14.36 -19.18 -0.95
C GLY B 218 -13.08 -18.99 -1.72
N VAL B 219 -13.20 -18.93 -3.03
CA VAL B 219 -12.05 -18.73 -3.89
C VAL B 219 -12.32 -17.58 -4.84
N PHE B 220 -11.26 -16.87 -5.20
CA PHE B 220 -11.30 -15.73 -6.11
C PHE B 220 -10.46 -16.10 -7.33
N MET B 221 -11.06 -16.00 -8.51
CA MET B 221 -10.36 -16.35 -9.76
C MET B 221 -10.66 -15.39 -10.90
N GLU B 222 -9.62 -14.92 -11.56
CA GLU B 222 -9.81 -14.03 -12.70
C GLU B 222 -9.90 -14.94 -13.92
N THR B 223 -10.97 -14.77 -14.69
CA THR B 223 -11.17 -15.58 -15.88
C THR B 223 -11.49 -14.70 -17.08
N HIS B 224 -10.98 -15.10 -18.25
CA HIS B 224 -11.17 -14.33 -19.47
C HIS B 224 -11.25 -15.29 -20.65
N PRO B 225 -12.18 -15.03 -21.59
CA PRO B 225 -12.34 -15.88 -22.78
C PRO B 225 -11.03 -16.17 -23.48
N GLU B 226 -10.17 -15.15 -23.57
CA GLU B 226 -8.86 -15.28 -24.22
C GLU B 226 -7.82 -14.52 -23.43
N PRO B 227 -7.35 -15.07 -22.30
CA PRO B 227 -6.35 -14.45 -21.44
C PRO B 227 -5.18 -13.81 -22.20
N GLU B 228 -4.75 -14.46 -23.27
CA GLU B 228 -3.64 -13.97 -24.08
C GLU B 228 -3.88 -12.55 -24.61
N LYS B 229 -5.16 -12.21 -24.79
CA LYS B 229 -5.52 -10.89 -25.30
C LYS B 229 -5.98 -9.92 -24.22
N ALA B 230 -6.00 -10.38 -22.97
CA ALA B 230 -6.43 -9.54 -21.86
C ALA B 230 -5.54 -8.31 -21.74
N LEU B 231 -6.12 -7.20 -21.33
CA LEU B 231 -5.38 -5.95 -21.18
C LEU B 231 -4.78 -5.84 -19.79
N SER B 232 -5.03 -6.84 -18.97
CA SER B 232 -4.52 -6.89 -17.60
C SER B 232 -4.37 -8.35 -17.19
N ASP B 233 -3.36 -8.64 -16.37
CA ASP B 233 -3.09 -10.00 -15.90
C ASP B 233 -3.28 -11.03 -17.01
N ALA B 234 -2.61 -10.84 -18.13
CA ALA B 234 -2.72 -11.76 -19.26
C ALA B 234 -2.03 -13.09 -18.98
N SER B 235 -0.99 -13.06 -18.15
CA SER B 235 -0.24 -14.27 -17.82
C SER B 235 -0.90 -15.14 -16.76
N THR B 236 -1.84 -14.59 -16.00
CA THR B 236 -2.49 -15.37 -14.95
C THR B 236 -4.00 -15.59 -15.04
N GLN B 237 -4.69 -14.84 -15.90
CA GLN B 237 -6.13 -15.03 -16.00
C GLN B 237 -6.47 -16.42 -16.53
N LEU B 238 -7.41 -17.08 -15.87
CA LEU B 238 -7.83 -18.42 -16.24
C LEU B 238 -8.74 -18.45 -17.47
N PRO B 239 -8.44 -19.33 -18.43
CA PRO B 239 -9.28 -19.42 -19.64
C PRO B 239 -10.70 -19.80 -19.20
N LEU B 240 -11.70 -19.04 -19.67
CA LEU B 240 -13.09 -19.29 -19.30
C LEU B 240 -13.52 -20.74 -19.34
N SER B 241 -13.15 -21.45 -20.41
CA SER B 241 -13.51 -22.85 -20.60
C SER B 241 -13.00 -23.82 -19.52
N GLN B 242 -12.04 -23.38 -18.73
CA GLN B 242 -11.47 -24.23 -17.68
C GLN B 242 -12.09 -24.00 -16.31
N LEU B 243 -12.92 -22.96 -16.21
CA LEU B 243 -13.55 -22.62 -14.95
C LEU B 243 -14.45 -23.71 -14.35
N GLU B 244 -15.30 -24.32 -15.18
CA GLU B 244 -16.20 -25.35 -14.68
C GLU B 244 -15.44 -26.52 -14.07
N GLY B 245 -14.41 -26.98 -14.78
CA GLY B 245 -13.61 -28.10 -14.29
C GLY B 245 -12.96 -27.83 -12.95
N ILE B 246 -12.43 -26.64 -12.78
CA ILE B 246 -11.77 -26.27 -11.53
C ILE B 246 -12.77 -26.15 -10.39
N ILE B 247 -13.95 -25.59 -10.67
CA ILE B 247 -14.95 -25.46 -9.62
C ILE B 247 -15.39 -26.86 -9.16
N GLU B 248 -15.68 -27.74 -10.11
CA GLU B 248 -16.10 -29.09 -9.76
C GLU B 248 -15.02 -29.76 -8.92
N ALA B 249 -13.77 -29.56 -9.31
CA ALA B 249 -12.63 -30.13 -8.60
C ALA B 249 -12.55 -29.65 -7.15
N ILE B 250 -12.63 -28.35 -6.93
CA ILE B 250 -12.54 -27.87 -5.56
C ILE B 250 -13.75 -28.25 -4.71
N LEU B 251 -14.90 -28.44 -5.36
CA LEU B 251 -16.09 -28.84 -4.60
C LEU B 251 -15.91 -30.26 -4.08
N GLU B 252 -15.40 -31.14 -4.94
CA GLU B 252 -15.14 -32.52 -4.56
C GLU B 252 -14.07 -32.58 -3.45
N ILE B 253 -12.98 -31.83 -3.62
CA ILE B 253 -11.93 -31.83 -2.61
C ILE B 253 -12.46 -31.30 -1.29
N ARG B 254 -13.20 -30.20 -1.36
CA ARG B 254 -13.80 -29.60 -0.17
C ARG B 254 -14.71 -30.61 0.54
N GLU B 255 -15.56 -31.28 -0.23
CA GLU B 255 -16.48 -32.26 0.34
C GLU B 255 -15.77 -33.28 1.22
N VAL B 256 -14.67 -33.83 0.73
CA VAL B 256 -13.90 -34.81 1.49
C VAL B 256 -13.09 -34.21 2.62
N ALA B 257 -12.40 -33.10 2.34
CA ALA B 257 -11.54 -32.45 3.31
C ALA B 257 -12.25 -31.71 4.44
N SER B 258 -13.42 -31.15 4.15
CA SER B 258 -14.16 -30.39 5.16
C SER B 258 -14.29 -31.14 6.47
N LYS B 259 -14.37 -32.46 6.38
CA LYS B 259 -14.48 -33.30 7.57
C LYS B 259 -13.35 -32.98 8.56
N TYR B 260 -12.20 -32.57 8.04
CA TYR B 260 -11.04 -32.29 8.89
C TYR B 260 -10.70 -30.84 9.18
N TYR B 261 -11.49 -29.90 8.67
CA TYR B 261 -11.21 -28.49 8.94
C TYR B 261 -11.27 -28.29 10.45
N GLU B 262 -10.27 -27.63 11.02
CA GLU B 262 -10.23 -27.39 12.46
C GLU B 262 -11.25 -26.34 12.88
N THR B 263 -11.81 -26.49 14.08
CA THR B 263 -12.80 -25.55 14.58
C THR B 263 -12.20 -24.18 14.92
N ILE B 264 -12.81 -23.14 14.36
CA ILE B 264 -12.39 -21.74 14.53
C ILE B 264 -10.89 -21.49 14.33
C1 R5P C . 3.46 4.13 8.18
O1 R5P C . 3.29 4.76 7.17
C2 R5P C . 4.43 4.67 9.24
O2 R5P C . 5.78 4.72 8.80
C3 R5P C . 4.47 3.67 10.37
O3 R5P C . 5.36 2.56 10.15
C4 R5P C . 3.00 3.77 10.82
O4 R5P C . 2.18 4.92 11.09
C5 R5P C . 3.08 2.79 11.94
O5 R5P C . 1.74 2.53 12.36
P R5P C . 1.29 1.66 13.58
O1P R5P C . -0.10 2.11 13.86
O2P R5P C . 1.36 0.27 13.07
O3P R5P C . 2.24 1.92 14.72
CD CD D . 6.58 8.04 11.04
C1 PEP E . 5.86 8.91 7.35
O1 PEP E . 5.24 9.78 8.05
O2' PEP E . 6.98 9.12 7.02
C2 PEP E . 5.10 7.65 6.88
C3 PEP E . 3.74 7.53 6.89
O2 PEP E . 5.93 6.75 6.21
P PEP E . 5.75 5.53 5.21
O1P PEP E . 4.76 5.82 4.16
O2P PEP E . 5.51 4.37 6.08
O3P PEP E . 7.13 5.27 4.54
CD CD F . -6.73 -8.25 -11.36
P PO4 G . 1.23 -4.53 -13.36
O1 PO4 G . 0.99 -5.57 -14.39
O2 PO4 G . 2.59 -4.69 -12.79
O3 PO4 G . 0.22 -4.68 -12.27
O4 PO4 G . 1.10 -3.19 -13.97
C1 PEP H . -7.78 -7.27 -8.03
O1 PEP H . -8.56 -6.64 -8.83
O2' PEP H . -8.10 -8.30 -7.52
C2 PEP H . -6.52 -6.46 -7.69
C3 PEP H . -6.08 -5.32 -8.27
O2 PEP H . -5.84 -7.03 -6.61
P PEP H . -4.85 -6.62 -5.45
O1P PEP H . -5.31 -5.36 -4.85
O2P PEP H . -3.61 -6.46 -6.26
O3P PEP H . -4.91 -7.86 -4.51
#